data_4MX9
#
_entry.id   4MX9
#
_cell.length_a   48.380
_cell.length_b   73.141
_cell.length_c   66.270
_cell.angle_alpha   90.000
_cell.angle_beta   99.840
_cell.angle_gamma   90.000
#
_symmetry.space_group_name_H-M   'P 1 21 1'
#
loop_
_entity.id
_entity.type
_entity.pdbx_description
1 polymer 'Calmodulin-like domain protein kinase isoenzyme gamma, related'
2 non-polymer 3-(6-ethoxynaphthalen-2-yl)-1-[(1-methylpiperidin-4-yl)methyl]-1H-pyrazolo[3,4-d]pyrimidin-4-amine
3 water water
#
_entity_poly.entity_id   1
_entity_poly.type   'polypeptide(L)'
_entity_poly.pdbx_seq_one_letter_code
;GAAGGAGDKLHATPGMFVQHSTAIFSDRYKGQRVLGKGSFGEVILCKDKITGQECAVKVISKRQVKQKTDKESLLREVQL
LKQLDHPNIMKLYEFFEDKGYYYLVGEVYTGGELFDEIISRKRFSEVDAARIIRQVLSGITYMHKNKIVHRDLKPENLLL
ESKSKDANIRIIDFGLSTHFEASKKMKDKIGTAYYIAPEVLHGTYDEKCDVWSTGVILYILLSGCPPFNGANEYDILKKV
EKGKYTFELPQWKKVSESAKDLIRKMLTYVPSMRISARDALDHEWIQTYTKEQISVDVPSLDNAILNIRQFQGTQKLAQA
ALLYMGSKLTSQDETKELTAIFHKMDKNGDGQLDRAELIEGYKELMKMKGQDASMLDASAVEHEVDQVLDAVDFDKNGYI
EYSEFVTVAMDRKTLLSRERLERAFRMFDSDNSGKISSSELATIFGVSDVDSETWKNVLAEVDKNNDGEVDFDEFQQMLL
KLCGN
;
_entity_poly.pdbx_strand_id   A
#
loop_
_chem_comp.id
_chem_comp.type
_chem_comp.name
_chem_comp.formula
2E8 non-polymer 3-(6-ethoxynaphthalen-2-yl)-1-[(1-methylpiperidin-4-yl)methyl]-1H-pyrazolo[3,4-d]pyrimidin-4-amine 'C24 H28 N6 O'
#
# COMPACT_ATOMS: atom_id res chain seq x y z
N SER A 21 4.29 -8.55 -34.84
CA SER A 21 4.39 -9.76 -33.95
C SER A 21 4.50 -9.34 -32.48
N THR A 22 3.39 -8.81 -31.93
CA THR A 22 3.36 -8.26 -30.55
C THR A 22 3.92 -9.24 -29.53
N ALA A 23 4.83 -8.78 -28.67
CA ALA A 23 5.51 -9.64 -27.70
C ALA A 23 4.65 -10.02 -26.48
N ILE A 24 5.17 -10.98 -25.72
CA ILE A 24 4.43 -11.61 -24.60
C ILE A 24 5.28 -11.52 -23.33
N PHE A 25 4.71 -10.91 -22.30
CA PHE A 25 5.42 -10.70 -21.05
C PHE A 25 6.22 -11.89 -20.51
N SER A 26 5.57 -13.06 -20.37
CA SER A 26 6.22 -14.24 -19.75
C SER A 26 7.27 -14.91 -20.63
N ASP A 27 7.37 -14.51 -21.90
CA ASP A 27 8.45 -14.97 -22.78
C ASP A 27 9.77 -14.23 -22.47
N ARG A 28 9.67 -13.06 -21.85
CA ARG A 28 10.83 -12.23 -21.56
C ARG A 28 11.22 -12.19 -20.06
N TYR A 29 10.21 -12.31 -19.17
CA TYR A 29 10.37 -12.20 -17.71
C TYR A 29 9.86 -13.42 -16.96
N LYS A 30 10.59 -13.81 -15.92
CA LYS A 30 10.16 -14.83 -14.96
C LYS A 30 9.91 -14.15 -13.58
N GLY A 31 8.81 -14.52 -12.92
CA GLY A 31 8.53 -14.03 -11.55
C GLY A 31 9.46 -14.66 -10.51
N GLN A 32 10.02 -13.83 -9.63
CA GLN A 32 10.92 -14.30 -8.58
C GLN A 32 10.15 -14.41 -7.26
N ARG A 33 9.51 -13.31 -6.89
CA ARG A 33 8.77 -13.25 -5.63
CA ARG A 33 8.75 -13.27 -5.64
C ARG A 33 7.88 -12.02 -5.62
N VAL A 34 6.90 -12.01 -4.73
CA VAL A 34 5.99 -10.84 -4.58
C VAL A 34 6.68 -9.75 -3.75
N LEU A 35 6.59 -8.51 -4.24
CA LEU A 35 7.14 -7.35 -3.54
C LEU A 35 6.08 -6.71 -2.66
N GLY A 36 4.91 -6.52 -3.24
CA GLY A 36 3.79 -6.07 -2.48
C GLY A 36 2.51 -6.02 -3.25
N LYS A 37 1.54 -5.42 -2.59
CA LYS A 37 0.24 -5.17 -3.14
C LYS A 37 0.07 -3.65 -3.07
N GLY A 38 -0.21 -3.05 -4.22
CA GLY A 38 -0.36 -1.62 -4.30
C GLY A 38 -1.68 -1.23 -4.91
N SER A 39 -1.75 0.04 -5.28
CA SER A 39 -2.91 0.55 -5.98
C SER A 39 -2.99 -0.17 -7.32
N PHE A 40 -4.22 -0.62 -7.66
CA PHE A 40 -4.58 -1.26 -8.94
C PHE A 40 -4.08 -2.70 -9.15
N GLY A 41 -3.19 -3.19 -8.28
CA GLY A 41 -2.82 -4.60 -8.29
C GLY A 41 -1.50 -4.97 -7.64
N GLU A 42 -1.03 -6.17 -7.99
CA GLU A 42 0.17 -6.73 -7.35
C GLU A 42 1.44 -6.21 -8.01
N VAL A 43 2.50 -6.07 -7.21
CA VAL A 43 3.80 -5.72 -7.68
C VAL A 43 4.66 -6.94 -7.43
N ILE A 44 5.31 -7.42 -8.49
CA ILE A 44 6.06 -8.68 -8.51
C ILE A 44 7.51 -8.38 -8.88
N LEU A 45 8.48 -8.92 -8.13
CA LEU A 45 9.89 -8.84 -8.55
C LEU A 45 10.08 -9.88 -9.63
N CYS A 46 10.58 -9.40 -10.78
CA CYS A 46 10.78 -10.19 -12.00
C CYS A 46 12.19 -10.06 -12.52
N LYS A 47 12.56 -11.03 -13.33
CA LYS A 47 13.87 -11.10 -13.90
C LYS A 47 13.83 -11.37 -15.42
N ASP A 48 14.53 -10.54 -16.21
CA ASP A 48 14.72 -10.77 -17.65
C ASP A 48 15.43 -12.12 -17.84
N LYS A 49 14.85 -13.03 -18.64
CA LYS A 49 15.43 -14.39 -18.80
C LYS A 49 16.73 -14.43 -19.60
N ILE A 50 17.18 -13.31 -20.15
CA ILE A 50 18.42 -13.28 -20.91
C ILE A 50 19.50 -12.43 -20.23
N THR A 51 19.17 -11.17 -19.96
CA THR A 51 20.10 -10.18 -19.42
C THR A 51 20.27 -10.23 -17.90
N GLY A 52 19.36 -10.93 -17.19
CA GLY A 52 19.37 -11.01 -15.73
C GLY A 52 18.86 -9.76 -15.02
N GLN A 53 18.39 -8.74 -15.75
CA GLN A 53 17.97 -7.50 -15.11
CA GLN A 53 17.95 -7.48 -15.12
C GLN A 53 16.71 -7.76 -14.25
N GLU A 54 16.79 -7.34 -12.98
CA GLU A 54 15.66 -7.40 -12.04
C GLU A 54 14.77 -6.18 -12.25
N CYS A 55 13.46 -6.40 -12.15
CA CYS A 55 12.49 -5.32 -12.33
CA CYS A 55 12.46 -5.36 -12.38
C CYS A 55 11.25 -5.53 -11.46
N ALA A 56 10.57 -4.43 -11.16
CA ALA A 56 9.34 -4.42 -10.38
C ALA A 56 8.18 -4.28 -11.39
N VAL A 57 7.31 -5.28 -11.42
CA VAL A 57 6.21 -5.31 -12.38
C VAL A 57 4.87 -5.15 -11.70
N LYS A 58 4.14 -4.09 -12.02
CA LYS A 58 2.77 -3.90 -11.55
C LYS A 58 1.86 -4.62 -12.52
N VAL A 59 1.11 -5.59 -12.01
CA VAL A 59 0.19 -6.39 -12.81
C VAL A 59 -1.25 -5.97 -12.55
N ILE A 60 -1.89 -5.40 -13.56
CA ILE A 60 -3.25 -4.87 -13.43
C ILE A 60 -4.25 -5.82 -14.09
N SER A 61 -5.11 -6.41 -13.24
CA SER A 61 -6.16 -7.33 -13.69
C SER A 61 -7.32 -6.57 -14.31
N LYS A 62 -7.55 -6.75 -15.62
CA LYS A 62 -8.61 -6.06 -16.35
C LYS A 62 -10.02 -6.29 -15.74
N ARG A 63 -10.24 -7.47 -15.14
CA ARG A 63 -11.51 -7.81 -14.48
C ARG A 63 -11.75 -7.06 -13.15
N GLN A 64 -10.69 -6.80 -12.37
CA GLN A 64 -10.82 -6.13 -11.07
C GLN A 64 -10.74 -4.61 -11.17
N VAL A 65 -10.11 -4.13 -12.25
CA VAL A 65 -9.82 -2.71 -12.44
C VAL A 65 -10.34 -2.28 -13.81
N LYS A 66 -11.40 -1.48 -13.77
CA LYS A 66 -12.00 -0.89 -14.94
C LYS A 66 -11.16 0.30 -15.41
N GLN A 67 -11.04 0.41 -16.73
CA GLN A 67 -10.43 1.52 -17.44
C GLN A 67 -11.41 2.72 -17.54
N LYS A 68 -10.89 3.92 -17.34
CA LYS A 68 -11.67 5.17 -17.51
C LYS A 68 -11.55 5.77 -18.94
N THR A 69 -10.43 5.53 -19.60
CA THR A 69 -10.12 6.03 -20.94
C THR A 69 -10.19 4.88 -21.96
N ASP A 70 -9.91 5.17 -23.21
CA ASP A 70 -9.81 4.13 -24.23
C ASP A 70 -8.37 3.65 -24.41
N LYS A 71 -8.22 2.55 -25.12
CA LYS A 71 -6.91 1.93 -25.31
C LYS A 71 -5.94 2.90 -25.96
N GLU A 72 -6.36 3.60 -27.03
CA GLU A 72 -5.51 4.57 -27.75
C GLU A 72 -4.87 5.57 -26.79
N SER A 73 -5.66 6.07 -25.84
CA SER A 73 -5.22 7.07 -24.85
C SER A 73 -4.20 6.48 -23.85
N LEU A 74 -4.45 5.25 -23.38
CA LEU A 74 -3.54 4.55 -22.49
C LEU A 74 -2.18 4.27 -23.17
N LEU A 75 -2.19 3.80 -24.41
CA LEU A 75 -0.95 3.48 -25.12
C LEU A 75 -0.10 4.75 -25.36
N ARG A 76 -0.74 5.89 -25.59
CA ARG A 76 0.00 7.15 -25.83
C ARG A 76 0.64 7.66 -24.56
N GLU A 77 -0.07 7.57 -23.44
CA GLU A 77 0.48 7.95 -22.13
C GLU A 77 1.69 7.07 -21.81
N VAL A 78 1.55 5.75 -21.98
CA VAL A 78 2.62 4.79 -21.71
C VAL A 78 3.85 5.15 -22.54
N GLN A 79 3.64 5.42 -23.83
CA GLN A 79 4.74 5.80 -24.73
C GLN A 79 5.49 7.08 -24.25
N LEU A 80 4.74 8.03 -23.72
CA LEU A 80 5.31 9.26 -23.15
C LEU A 80 6.05 8.96 -21.84
N LEU A 81 5.38 8.27 -20.90
CA LEU A 81 5.98 7.92 -19.60
C LEU A 81 7.37 7.23 -19.72
N LYS A 82 7.50 6.36 -20.72
CA LYS A 82 8.75 5.67 -20.98
C LYS A 82 9.91 6.60 -21.40
N GLN A 83 9.57 7.78 -21.92
CA GLN A 83 10.57 8.75 -22.41
C GLN A 83 11.04 9.77 -21.38
N LEU A 84 10.31 9.86 -20.28
CA LEU A 84 10.62 10.81 -19.22
C LEU A 84 11.67 10.20 -18.27
N ASP A 85 12.59 11.07 -17.82
CA ASP A 85 13.66 10.70 -16.91
C ASP A 85 13.84 11.80 -15.90
N HIS A 86 13.58 11.46 -14.63
CA HIS A 86 13.86 12.34 -13.51
C HIS A 86 14.32 11.53 -12.29
N PRO A 87 15.31 12.05 -11.53
CA PRO A 87 15.83 11.27 -10.39
C PRO A 87 14.80 10.91 -9.28
N ASN A 88 13.66 11.60 -9.24
CA ASN A 88 12.65 11.39 -8.19
C ASN A 88 11.33 10.76 -8.69
N ILE A 89 11.37 10.28 -9.93
CA ILE A 89 10.22 9.64 -10.55
C ILE A 89 10.61 8.21 -10.88
N MET A 90 9.77 7.24 -10.49
CA MET A 90 10.03 5.85 -10.84
C MET A 90 10.16 5.72 -12.34
N LYS A 91 11.19 4.99 -12.79
CA LYS A 91 11.48 4.80 -14.21
C LYS A 91 10.64 3.64 -14.70
N LEU A 92 9.91 3.87 -15.79
CA LEU A 92 9.12 2.84 -16.49
C LEU A 92 9.86 2.38 -17.74
N TYR A 93 10.02 1.07 -17.88
CA TYR A 93 10.85 0.48 -18.94
C TYR A 93 9.97 -0.11 -20.04
N GLU A 94 8.95 -0.85 -19.65
CA GLU A 94 8.19 -1.64 -20.61
C GLU A 94 6.72 -1.74 -20.24
N PHE A 95 5.92 -1.98 -21.28
CA PHE A 95 4.50 -2.16 -21.13
C PHE A 95 4.01 -3.30 -22.00
N PHE A 96 3.25 -4.21 -21.42
CA PHE A 96 2.69 -5.36 -22.13
C PHE A 96 1.18 -5.51 -21.83
N GLU A 97 0.46 -6.09 -22.78
CA GLU A 97 -0.97 -6.34 -22.64
C GLU A 97 -1.31 -7.69 -23.18
N ASP A 98 -2.06 -8.50 -22.43
CA ASP A 98 -2.71 -9.67 -23.00
C ASP A 98 -4.22 -9.57 -22.78
N LYS A 99 -4.89 -10.69 -23.00
CA LYS A 99 -6.33 -10.86 -22.77
C LYS A 99 -6.79 -10.41 -21.37
N GLY A 100 -6.05 -10.78 -20.32
CA GLY A 100 -6.51 -10.64 -18.92
C GLY A 100 -5.92 -9.51 -18.10
N TYR A 101 -4.79 -8.96 -18.54
CA TYR A 101 -4.15 -7.97 -17.72
C TYR A 101 -3.33 -6.98 -18.49
N TYR A 102 -2.74 -6.07 -17.73
CA TYR A 102 -1.77 -5.11 -18.20
C TYR A 102 -0.54 -5.32 -17.35
N TYR A 103 0.64 -5.21 -17.93
CA TYR A 103 1.88 -5.34 -17.16
C TYR A 103 2.75 -4.11 -17.30
N LEU A 104 3.03 -3.42 -16.20
CA LEU A 104 3.89 -2.23 -16.20
C LEU A 104 5.23 -2.58 -15.54
N VAL A 105 6.29 -2.49 -16.32
CA VAL A 105 7.61 -2.92 -15.88
C VAL A 105 8.52 -1.73 -15.57
N GLY A 106 8.87 -1.61 -14.30
CA GLY A 106 9.68 -0.50 -13.80
C GLY A 106 10.90 -0.93 -13.03
N GLU A 107 11.64 0.08 -12.61
CA GLU A 107 12.84 -0.14 -11.82
C GLU A 107 12.42 -0.55 -10.41
N VAL A 108 13.20 -1.43 -9.79
CA VAL A 108 12.91 -1.86 -8.42
C VAL A 108 13.77 -1.06 -7.42
N TYR A 109 13.11 -0.61 -6.36
CA TYR A 109 13.72 0.14 -5.27
C TYR A 109 13.54 -0.62 -3.95
N THR A 110 14.58 -0.59 -3.11
CA THR A 110 14.72 -1.50 -1.97
C THR A 110 14.71 -0.81 -0.59
N GLY A 111 14.49 0.51 -0.58
CA GLY A 111 14.47 1.30 0.66
C GLY A 111 13.18 1.28 1.45
N GLY A 112 12.11 0.79 0.83
CA GLY A 112 10.81 0.72 1.48
C GLY A 112 10.09 2.06 1.40
N GLU A 113 8.93 2.13 2.07
CA GLU A 113 8.18 3.37 2.18
C GLU A 113 8.89 4.37 3.11
N LEU A 114 8.92 5.63 2.69
CA LEU A 114 9.57 6.70 3.46
C LEU A 114 9.26 6.72 4.99
N PHE A 115 7.97 6.69 5.34
CA PHE A 115 7.53 6.81 6.73
C PHE A 115 8.04 5.64 7.59
N ASP A 116 8.21 4.46 6.99
CA ASP A 116 8.73 3.31 7.72
C ASP A 116 10.22 3.48 8.01
N GLU A 117 10.91 4.22 7.13
CA GLU A 117 12.30 4.62 7.38
C GLU A 117 12.35 5.73 8.43
N ILE A 118 11.46 6.72 8.32
CA ILE A 118 11.49 7.82 9.28
C ILE A 118 11.31 7.35 10.74
N ILE A 119 10.39 6.42 10.98
CA ILE A 119 10.09 6.00 12.36
C ILE A 119 11.24 5.19 13.00
N SER A 120 12.18 4.70 12.19
CA SER A 120 13.37 4.01 12.72
C SER A 120 14.47 4.99 13.18
N ARG A 121 14.35 6.26 12.81
CA ARG A 121 15.29 7.28 13.27
C ARG A 121 15.03 7.64 14.74
N LYS A 122 16.07 8.11 15.43
CA LYS A 122 15.91 8.75 16.77
C LYS A 122 15.98 10.28 16.69
N ARG A 123 16.41 10.82 15.54
CA ARG A 123 16.55 12.28 15.30
C ARG A 123 15.90 12.67 13.95
N PHE A 124 15.13 13.76 13.95
CA PHE A 124 14.45 14.24 12.74
C PHE A 124 14.15 15.72 12.84
N SER A 125 14.70 16.52 11.92
CA SER A 125 14.62 17.98 12.01
C SER A 125 13.96 18.60 10.77
N GLU A 126 13.67 19.90 10.86
CA GLU A 126 13.19 20.70 9.70
C GLU A 126 14.08 20.54 8.47
N VAL A 127 15.38 20.33 8.67
CA VAL A 127 16.34 20.08 7.57
C VAL A 127 16.06 18.76 6.85
N ASP A 128 15.80 17.73 7.64
CA ASP A 128 15.39 16.41 7.12
C ASP A 128 14.06 16.51 6.34
N ALA A 129 13.06 17.21 6.89
CA ALA A 129 11.75 17.39 6.21
C ALA A 129 11.81 18.18 4.91
N ALA A 130 12.71 19.17 4.86
CA ALA A 130 12.91 20.02 3.68
C ALA A 130 13.66 19.29 2.57
N ARG A 131 14.65 18.49 2.95
CA ARG A 131 15.31 17.60 2.00
C ARG A 131 14.30 16.70 1.32
N ILE A 132 13.42 16.11 2.13
CA ILE A 132 12.33 15.23 1.67
C ILE A 132 11.37 15.94 0.71
N ILE A 133 10.80 17.03 1.16
CA ILE A 133 9.76 17.71 0.39
C ILE A 133 10.34 18.36 -0.87
N ARG A 134 11.59 18.84 -0.82
CA ARG A 134 12.25 19.35 -2.04
C ARG A 134 12.36 18.30 -3.17
N GLN A 135 12.63 17.04 -2.82
CA GLN A 135 12.69 15.97 -3.80
C GLN A 135 11.31 15.74 -4.42
N VAL A 136 10.28 15.66 -3.59
CA VAL A 136 8.90 15.44 -4.05
C VAL A 136 8.43 16.55 -4.99
N LEU A 137 8.58 17.81 -4.57
CA LEU A 137 8.27 18.97 -5.41
C LEU A 137 9.08 18.95 -6.72
N SER A 138 10.33 18.50 -6.68
CA SER A 138 11.18 18.48 -7.88
C SER A 138 10.67 17.45 -8.91
N GLY A 139 10.17 16.32 -8.41
CA GLY A 139 9.58 15.29 -9.26
C GLY A 139 8.24 15.74 -9.80
N ILE A 140 7.39 16.28 -8.93
CA ILE A 140 6.08 16.81 -9.36
C ILE A 140 6.22 17.94 -10.40
N THR A 141 7.17 18.86 -10.20
CA THR A 141 7.39 19.99 -11.11
C THR A 141 7.68 19.48 -12.51
N TYR A 142 8.61 18.53 -12.59
CA TYR A 142 8.95 17.87 -13.85
C TYR A 142 7.75 17.19 -14.54
N MET A 143 6.96 16.43 -13.80
CA MET A 143 5.79 15.76 -14.40
C MET A 143 4.71 16.73 -14.82
N HIS A 144 4.48 17.80 -14.08
CA HIS A 144 3.47 18.80 -14.46
C HIS A 144 3.90 19.54 -15.74
N LYS A 145 5.19 19.79 -15.92
CA LYS A 145 5.71 20.34 -17.19
C LYS A 145 5.33 19.48 -18.38
N ASN A 146 5.23 18.17 -18.14
CA ASN A 146 4.83 17.18 -19.16
C ASN A 146 3.31 16.81 -19.12
N LYS A 147 2.55 17.65 -18.40
CA LYS A 147 1.09 17.57 -18.27
C LYS A 147 0.55 16.25 -17.69
N ILE A 148 1.31 15.65 -16.78
CA ILE A 148 0.88 14.45 -16.07
C ILE A 148 0.58 14.78 -14.61
N VAL A 149 -0.57 14.31 -14.15
CA VAL A 149 -1.06 14.54 -12.79
C VAL A 149 -1.04 13.19 -12.05
N HIS A 150 -0.69 13.22 -10.77
CA HIS A 150 -0.73 12.02 -9.97
C HIS A 150 -2.16 11.79 -9.47
N ARG A 151 -2.66 12.78 -8.71
CA ARG A 151 -4.00 12.78 -8.11
C ARG A 151 -4.11 12.00 -6.77
N ASP A 152 -3.36 10.93 -6.64
CA ASP A 152 -3.46 10.06 -5.48
C ASP A 152 -2.15 10.03 -4.73
N LEU A 153 -1.52 11.20 -4.59
CA LEU A 153 -0.21 11.27 -3.95
C LEU A 153 -0.37 11.05 -2.43
N LYS A 154 0.48 10.22 -1.85
CA LYS A 154 0.44 9.93 -0.41
C LYS A 154 1.74 9.26 0.03
N PRO A 155 1.98 9.16 1.36
CA PRO A 155 3.22 8.59 1.87
C PRO A 155 3.58 7.21 1.27
N GLU A 156 2.60 6.33 1.09
CA GLU A 156 2.81 5.01 0.46
C GLU A 156 3.39 5.09 -0.96
N ASN A 157 3.17 6.21 -1.64
CA ASN A 157 3.70 6.41 -3.02
C ASN A 157 5.11 6.97 -3.02
N LEU A 158 5.68 7.20 -1.85
CA LEU A 158 7.05 7.65 -1.74
C LEU A 158 7.96 6.52 -1.30
N LEU A 159 8.74 5.99 -2.25
CA LEU A 159 9.68 4.92 -1.97
C LEU A 159 11.08 5.47 -1.84
N LEU A 160 11.94 4.80 -1.08
CA LEU A 160 13.35 5.17 -0.99
C LEU A 160 14.14 4.27 -1.94
N GLU A 161 15.04 4.86 -2.74
CA GLU A 161 15.81 4.08 -3.73
C GLU A 161 16.49 2.86 -3.16
N SER A 162 17.16 3.05 -2.02
CA SER A 162 17.88 2.01 -1.26
C SER A 162 17.72 2.19 0.27
N LYS A 163 18.20 1.22 1.04
CA LYS A 163 18.09 1.28 2.51
C LYS A 163 19.12 2.24 3.16
N SER A 164 19.97 2.88 2.33
CA SER A 164 20.95 3.87 2.80
C SER A 164 20.27 5.11 3.40
N LYS A 165 20.94 5.73 4.38
CA LYS A 165 20.45 6.96 5.03
C LYS A 165 20.29 8.13 4.05
N ASP A 166 21.22 8.22 3.09
CA ASP A 166 21.26 9.32 2.10
C ASP A 166 20.39 9.10 0.84
N ALA A 167 19.54 8.07 0.85
CA ALA A 167 18.77 7.61 -0.32
C ALA A 167 17.83 8.65 -0.92
N ASN A 168 17.81 8.74 -2.26
CA ASN A 168 16.83 9.56 -2.98
C ASN A 168 15.40 8.95 -2.88
N ILE A 169 14.42 9.83 -3.01
CA ILE A 169 12.98 9.45 -3.02
C ILE A 169 12.54 9.23 -4.48
N ARG A 170 11.68 8.24 -4.72
CA ARG A 170 11.11 7.93 -6.04
C ARG A 170 9.60 7.86 -5.88
N ILE A 171 8.88 8.70 -6.62
CA ILE A 171 7.41 8.71 -6.57
C ILE A 171 6.92 7.62 -7.50
N ILE A 172 6.01 6.78 -7.01
CA ILE A 172 5.43 5.73 -7.83
C ILE A 172 3.98 6.07 -8.19
N ASP A 173 3.49 5.49 -9.29
CA ASP A 173 2.09 5.55 -9.76
C ASP A 173 1.72 6.84 -10.48
N PHE A 174 2.71 7.61 -10.92
CA PHE A 174 2.43 8.90 -11.57
C PHE A 174 1.67 8.59 -12.88
N GLY A 175 0.44 9.09 -13.01
CA GLY A 175 -0.31 8.95 -14.26
C GLY A 175 -1.31 7.80 -14.36
N LEU A 176 -1.26 6.82 -13.45
CA LEU A 176 -2.19 5.68 -13.54
C LEU A 176 -3.62 6.04 -13.20
N SER A 177 -3.82 6.98 -12.27
CA SER A 177 -5.17 7.38 -11.82
C SER A 177 -6.06 7.92 -12.96
N THR A 178 -5.43 8.50 -13.96
CA THR A 178 -6.13 9.01 -15.14
C THR A 178 -6.79 7.90 -15.98
N HIS A 179 -6.23 6.70 -15.94
CA HIS A 179 -6.63 5.65 -16.88
C HIS A 179 -7.33 4.48 -16.22
N PHE A 180 -7.16 4.35 -14.90
CA PHE A 180 -7.75 3.26 -14.16
C PHE A 180 -8.55 3.81 -12.97
N GLU A 181 -9.66 3.13 -12.70
CA GLU A 181 -10.59 3.52 -11.63
C GLU A 181 -10.16 2.82 -10.36
N ALA A 182 -10.01 3.61 -9.29
CA ALA A 182 -9.50 3.08 -8.01
C ALA A 182 -10.51 2.18 -7.32
N SER A 183 -9.98 1.16 -6.64
CA SER A 183 -10.80 0.22 -5.85
C SER A 183 -11.67 0.96 -4.83
N LYS A 184 -12.90 0.48 -4.67
CA LYS A 184 -13.79 0.98 -3.62
C LYS A 184 -13.79 0.07 -2.37
N LYS A 185 -12.94 -0.95 -2.37
CA LYS A 185 -12.69 -1.79 -1.18
C LYS A 185 -11.83 -1.07 -0.10
N MET A 186 -12.27 -1.15 1.16
CA MET A 186 -11.62 -0.39 2.26
C MET A 186 -10.14 -0.80 2.44
N LYS A 187 -9.86 -2.10 2.31
CA LYS A 187 -8.49 -2.65 2.35
C LYS A 187 -7.50 -1.98 1.38
N ASP A 188 -8.05 -1.30 0.36
CA ASP A 188 -7.28 -0.65 -0.68
C ASP A 188 -7.27 0.86 -0.55
N LYS A 189 -8.16 1.43 0.25
CA LYS A 189 -8.22 2.89 0.36
C LYS A 189 -7.89 3.46 1.75
N ILE A 190 -7.36 2.60 2.62
CA ILE A 190 -6.85 3.00 3.94
C ILE A 190 -5.79 4.08 3.76
N GLY A 191 -5.97 5.16 4.50
CA GLY A 191 -5.07 6.28 4.45
C GLY A 191 -5.07 6.98 3.11
N THR A 192 -6.18 6.97 2.37
CA THR A 192 -6.31 7.78 1.13
C THR A 192 -6.97 9.16 1.44
N ALA A 193 -7.94 9.15 2.37
CA ALA A 193 -8.79 10.33 2.64
C ALA A 193 -8.00 11.52 3.16
N TYR A 194 -6.92 11.26 3.89
CA TYR A 194 -6.14 12.33 4.53
C TYR A 194 -5.50 13.27 3.50
N TYR A 195 -5.20 12.78 2.31
CA TYR A 195 -4.33 13.49 1.36
C TYR A 195 -4.99 14.05 0.10
N ILE A 196 -6.23 13.62 -0.19
CA ILE A 196 -6.95 14.01 -1.41
CA ILE A 196 -6.97 14.01 -1.41
C ILE A 196 -7.35 15.50 -1.39
N ALA A 197 -7.12 16.21 -2.51
CA ALA A 197 -7.48 17.62 -2.59
C ALA A 197 -9.01 17.79 -2.65
N PRO A 198 -9.56 18.84 -2.03
CA PRO A 198 -11.02 19.01 -2.02
C PRO A 198 -11.67 19.09 -3.44
N GLU A 199 -10.95 19.69 -4.42
CA GLU A 199 -11.45 19.80 -5.80
C GLU A 199 -11.57 18.43 -6.44
N VAL A 200 -10.74 17.47 -6.05
CA VAL A 200 -10.85 16.09 -6.54
C VAL A 200 -12.18 15.45 -6.13
N LEU A 201 -12.64 15.72 -4.91
CA LEU A 201 -13.93 15.22 -4.41
C LEU A 201 -15.12 15.68 -5.28
N HIS A 202 -15.05 16.92 -5.78
CA HIS A 202 -16.17 17.56 -6.45
C HIS A 202 -16.13 17.43 -7.98
N GLY A 203 -14.98 17.05 -8.51
CA GLY A 203 -14.86 16.59 -9.92
C GLY A 203 -14.03 17.43 -10.86
N THR A 204 -13.78 18.68 -10.50
CA THR A 204 -13.04 19.59 -11.36
C THR A 204 -11.62 19.74 -10.80
N TYR A 205 -10.65 19.03 -11.34
CA TYR A 205 -9.31 19.19 -10.82
C TYR A 205 -8.29 19.25 -11.93
N ASP A 206 -7.15 19.83 -11.56
CA ASP A 206 -5.97 19.98 -12.42
C ASP A 206 -4.69 19.62 -11.62
N GLU A 207 -3.53 19.99 -12.16
CA GLU A 207 -2.26 19.62 -11.54
C GLU A 207 -2.02 20.20 -10.12
N LYS A 208 -2.71 21.30 -9.77
CA LYS A 208 -2.58 21.85 -8.41
C LYS A 208 -3.02 20.87 -7.31
N CYS A 209 -3.83 19.85 -7.62
CA CYS A 209 -4.20 18.87 -6.61
C CYS A 209 -2.96 18.16 -6.01
N ASP A 210 -1.88 18.07 -6.79
CA ASP A 210 -0.65 17.44 -6.30
C ASP A 210 0.12 18.28 -5.28
N VAL A 211 0.00 19.60 -5.37
CA VAL A 211 0.56 20.53 -4.37
C VAL A 211 -0.17 20.42 -3.01
N TRP A 212 -1.50 20.30 -3.06
CA TRP A 212 -2.29 20.09 -1.86
C TRP A 212 -1.84 18.82 -1.18
N SER A 213 -1.80 17.70 -1.89
CA SER A 213 -1.41 16.42 -1.27
C SER A 213 -0.03 16.51 -0.61
N THR A 214 0.88 17.26 -1.26
CA THR A 214 2.24 17.47 -0.78
C THR A 214 2.25 18.33 0.49
N GLY A 215 1.35 19.30 0.52
CA GLY A 215 1.12 20.14 1.69
C GLY A 215 0.65 19.32 2.87
N VAL A 216 -0.24 18.37 2.65
CA VAL A 216 -0.70 17.53 3.73
C VAL A 216 0.49 16.71 4.26
N ILE A 217 1.30 16.18 3.36
CA ILE A 217 2.48 15.38 3.74
C ILE A 217 3.47 16.17 4.57
N LEU A 218 3.76 17.41 4.16
CA LEU A 218 4.60 18.31 4.96
C LEU A 218 4.04 18.58 6.38
N TYR A 219 2.74 18.84 6.48
CA TYR A 219 2.08 19.05 7.80
C TYR A 219 2.37 17.87 8.72
N ILE A 220 2.21 16.67 8.16
CA ILE A 220 2.45 15.45 8.91
C ILE A 220 3.92 15.31 9.33
N LEU A 221 4.86 15.70 8.47
CA LEU A 221 6.28 15.53 8.76
C LEU A 221 6.74 16.37 9.96
N LEU A 222 6.18 17.58 10.06
CA LEU A 222 6.52 18.55 11.10
C LEU A 222 5.70 18.47 12.40
N SER A 223 4.53 17.82 12.35
CA SER A 223 3.66 17.62 13.53
C SER A 223 3.34 16.16 13.88
N GLY A 224 3.44 15.28 12.90
CA GLY A 224 3.08 13.87 13.08
C GLY A 224 1.58 13.58 13.15
N CYS A 225 0.76 14.59 12.85
CA CYS A 225 -0.69 14.47 12.86
C CYS A 225 -1.25 15.01 11.53
N PRO A 226 -2.26 14.34 10.95
CA PRO A 226 -2.95 14.82 9.75
C PRO A 226 -3.68 16.12 10.03
N PRO A 227 -3.62 17.08 9.10
CA PRO A 227 -4.34 18.32 9.35
C PRO A 227 -5.87 18.14 9.35
N PHE A 228 -6.34 17.17 8.58
CA PHE A 228 -7.76 16.80 8.48
C PHE A 228 -7.89 15.40 9.03
N ASN A 229 -8.58 15.28 10.16
CA ASN A 229 -8.67 14.01 10.87
C ASN A 229 -10.08 13.66 11.34
N GLY A 230 -10.28 12.39 11.71
CA GLY A 230 -11.58 11.94 12.15
C GLY A 230 -11.57 10.46 12.34
N ALA A 231 -12.67 9.95 12.88
CA ALA A 231 -12.75 8.57 13.39
C ALA A 231 -13.07 7.54 12.32
N ASN A 232 -13.49 8.00 11.15
CA ASN A 232 -13.75 7.14 10.01
C ASN A 232 -13.45 7.89 8.70
N GLU A 233 -13.42 7.18 7.57
CA GLU A 233 -13.17 7.80 6.28
C GLU A 233 -14.08 9.01 6.03
N TYR A 234 -15.38 8.86 6.28
CA TYR A 234 -16.31 9.94 5.92
C TYR A 234 -16.16 11.22 6.77
N ASP A 235 -15.86 11.09 8.06
CA ASP A 235 -15.54 12.27 8.92
C ASP A 235 -14.28 13.03 8.44
N ILE A 236 -13.27 12.29 7.97
CA ILE A 236 -12.07 12.90 7.41
C ILE A 236 -12.44 13.71 6.15
N LEU A 237 -13.22 13.13 5.26
CA LEU A 237 -13.61 13.80 4.03
C LEU A 237 -14.47 15.04 4.30
N LYS A 238 -15.28 15.02 5.36
CA LYS A 238 -16.11 16.19 5.74
C LYS A 238 -15.20 17.35 6.16
N LYS A 239 -14.11 17.01 6.86
CA LYS A 239 -13.07 17.96 7.24
C LYS A 239 -12.29 18.49 6.01
N VAL A 240 -11.90 17.62 5.09
CA VAL A 240 -11.19 18.03 3.88
C VAL A 240 -12.03 18.99 3.05
N GLU A 241 -13.31 18.66 2.88
CA GLU A 241 -14.22 19.44 2.05
C GLU A 241 -14.41 20.85 2.62
N LYS A 242 -14.49 20.97 3.95
CA LYS A 242 -14.54 22.29 4.60
C LYS A 242 -13.23 23.07 4.46
N GLY A 243 -12.09 22.39 4.50
CA GLY A 243 -10.81 23.03 4.21
C GLY A 243 -10.10 23.67 5.39
N LYS A 244 -10.70 23.63 6.58
CA LYS A 244 -10.16 24.30 7.77
C LYS A 244 -9.21 23.42 8.56
N TYR A 245 -8.09 23.99 8.94
CA TYR A 245 -7.12 23.31 9.78
C TYR A 245 -6.47 24.37 10.69
N THR A 246 -5.61 23.94 11.63
CA THR A 246 -4.92 24.87 12.57
C THR A 246 -3.47 24.47 12.91
N PHE A 247 -2.72 25.40 13.52
CA PHE A 247 -1.35 25.18 14.03
C PHE A 247 -1.27 25.28 15.58
N GLU A 248 -2.37 25.01 16.29
CA GLU A 248 -2.44 25.14 17.74
C GLU A 248 -2.01 23.88 18.48
N LEU A 249 -1.52 22.86 17.77
CA LEU A 249 -0.93 21.72 18.46
C LEU A 249 0.37 22.21 19.14
N PRO A 250 0.66 21.70 20.36
CA PRO A 250 1.84 22.22 21.09
C PRO A 250 3.14 22.15 20.28
N GLN A 251 3.30 21.09 19.49
CA GLN A 251 4.55 20.85 18.75
C GLN A 251 4.82 21.78 17.56
N TRP A 252 3.85 22.64 17.22
CA TRP A 252 4.11 23.68 16.22
C TRP A 252 4.91 24.88 16.74
N LYS A 253 5.01 25.03 18.05
CA LYS A 253 5.81 26.10 18.66
C LYS A 253 7.30 25.93 18.31
N LYS A 254 7.74 24.68 18.15
CA LYS A 254 9.12 24.33 17.75
C LYS A 254 9.44 24.52 16.25
N VAL A 255 8.42 24.83 15.43
CA VAL A 255 8.56 24.88 13.96
C VAL A 255 8.64 26.29 13.40
N SER A 256 9.56 26.51 12.47
CA SER A 256 9.78 27.84 11.87
C SER A 256 8.49 28.41 11.29
N GLU A 257 8.34 29.73 11.38
CA GLU A 257 7.24 30.47 10.71
C GLU A 257 7.24 30.27 9.19
N SER A 258 8.44 30.16 8.62
CA SER A 258 8.68 29.95 7.18
C SER A 258 8.00 28.68 6.65
N ALA A 259 8.10 27.61 7.44
CA ALA A 259 7.53 26.32 7.10
C ALA A 259 5.99 26.41 7.12
N LYS A 260 5.42 27.01 8.17
CA LYS A 260 3.96 27.27 8.27
C LYS A 260 3.42 28.08 7.08
N ASP A 261 4.27 28.95 6.54
CA ASP A 261 3.87 29.85 5.47
C ASP A 261 3.76 29.08 4.18
N LEU A 262 4.73 28.21 3.94
CA LEU A 262 4.70 27.34 2.78
C LEU A 262 3.46 26.46 2.89
N ILE A 263 3.21 25.88 4.07
CA ILE A 263 2.04 25.03 4.24
C ILE A 263 0.75 25.79 3.89
N ARG A 264 0.53 27.00 4.40
CA ARG A 264 -0.70 27.77 4.09
C ARG A 264 -0.91 27.97 2.61
N LYS A 265 0.19 28.16 1.89
CA LYS A 265 0.18 28.37 0.44
C LYS A 265 -0.13 27.08 -0.34
N MET A 266 0.37 25.94 0.13
CA MET A 266 0.05 24.64 -0.45
C MET A 266 -1.37 24.17 -0.13
N LEU A 267 -1.85 24.47 1.07
CA LEU A 267 -3.21 24.12 1.52
C LEU A 267 -4.22 25.22 1.26
N THR A 268 -3.99 26.03 0.23
CA THR A 268 -4.97 27.05 -0.13
C THR A 268 -6.17 26.39 -0.84
N TYR A 269 -7.40 26.69 -0.45
CA TYR A 269 -8.58 25.95 -0.91
C TYR A 269 -8.80 26.06 -2.44
N VAL A 270 -8.87 27.30 -2.94
CA VAL A 270 -9.13 27.61 -4.36
C VAL A 270 -7.86 27.34 -5.17
N PRO A 271 -7.94 26.38 -6.13
CA PRO A 271 -6.69 25.94 -6.80
C PRO A 271 -5.92 27.03 -7.57
N SER A 272 -6.65 27.96 -8.21
CA SER A 272 -6.01 29.08 -8.93
C SER A 272 -5.20 29.97 -7.97
N MET A 273 -5.51 29.95 -6.67
CA MET A 273 -4.80 30.74 -5.64
C MET A 273 -3.68 29.95 -4.92
N ARG A 274 -3.67 28.64 -5.10
CA ARG A 274 -2.67 27.78 -4.47
C ARG A 274 -1.35 27.95 -5.20
N ILE A 275 -0.24 27.89 -4.46
CA ILE A 275 1.10 27.95 -5.04
C ILE A 275 1.35 26.80 -6.02
N SER A 276 2.12 27.07 -7.07
CA SER A 276 2.53 26.01 -8.00
C SER A 276 3.64 25.19 -7.36
N ALA A 277 3.83 23.98 -7.88
CA ALA A 277 4.96 23.12 -7.48
C ALA A 277 6.27 23.86 -7.71
N ARG A 278 6.41 24.43 -8.90
CA ARG A 278 7.63 25.13 -9.28
C ARG A 278 7.94 26.29 -8.34
N ASP A 279 6.94 27.12 -8.03
CA ASP A 279 7.12 28.20 -7.06
C ASP A 279 7.41 27.68 -5.66
N ALA A 280 6.80 26.57 -5.26
CA ALA A 280 7.06 26.01 -3.93
C ALA A 280 8.55 25.70 -3.76
N LEU A 281 9.20 25.20 -4.82
CA LEU A 281 10.66 24.97 -4.83
C LEU A 281 11.50 26.20 -4.49
N ASP A 282 11.06 27.36 -4.96
CA ASP A 282 11.74 28.64 -4.67
C ASP A 282 11.40 29.28 -3.33
N HIS A 283 10.49 28.70 -2.56
CA HIS A 283 10.04 29.30 -1.31
C HIS A 283 11.20 29.38 -0.30
N GLU A 284 11.28 30.50 0.42
CA GLU A 284 12.32 30.76 1.45
C GLU A 284 12.67 29.54 2.32
N TRP A 285 11.65 28.83 2.82
CA TRP A 285 11.81 27.63 3.66
C TRP A 285 12.61 26.52 2.99
N ILE A 286 12.34 26.29 1.72
CA ILE A 286 13.10 25.28 0.95
C ILE A 286 14.52 25.81 0.68
N GLN A 287 14.65 27.10 0.38
CA GLN A 287 15.96 27.69 0.10
C GLN A 287 16.85 27.69 1.36
N THR A 288 16.24 27.96 2.52
CA THR A 288 16.96 28.04 3.82
C THR A 288 17.41 26.71 4.44
N TYR A 289 16.51 25.72 4.47
CA TYR A 289 16.72 24.46 5.20
C TYR A 289 17.31 23.32 4.36
N THR A 290 17.59 23.59 3.08
CA THR A 290 18.24 22.60 2.20
C THR A 290 19.69 22.95 1.88
N LYS A 291 20.17 24.09 2.40
CA LYS A 291 21.60 24.37 2.38
C LYS A 291 22.30 23.47 3.41
N GLU A 292 23.09 22.52 2.89
CA GLU A 292 23.64 21.37 3.65
C GLU A 292 24.39 21.75 4.95
N GLN A 293 25.01 22.92 4.97
CA GLN A 293 25.83 23.34 6.09
C GLN A 293 25.09 24.14 7.17
N ILE A 294 24.47 25.27 6.81
CA ILE A 294 23.88 26.19 7.81
C ILE A 294 22.80 25.56 8.72
N SER A 295 23.15 25.31 9.99
CA SER A 295 22.19 24.95 11.05
C SER A 295 21.94 26.18 11.97
N VAL A 296 21.29 27.21 11.41
CA VAL A 296 21.04 28.49 12.12
C VAL A 296 20.20 28.34 13.42
N ASP A 297 19.27 27.39 13.41
CA ASP A 297 18.59 26.88 14.61
C ASP A 297 17.85 25.61 14.20
N VAL A 298 18.33 24.45 14.68
CA VAL A 298 17.86 23.16 14.14
C VAL A 298 17.65 22.15 15.28
N PRO A 299 16.51 22.26 16.01
CA PRO A 299 16.19 21.25 17.01
C PRO A 299 15.64 19.98 16.40
N SER A 300 15.63 18.91 17.18
CA SER A 300 14.99 17.64 16.81
C SER A 300 13.52 17.64 17.26
N LEU A 301 12.62 17.24 16.35
CA LEU A 301 11.17 17.30 16.54
C LEU A 301 10.66 16.01 17.16
N ASP A 302 10.97 15.81 18.43
CA ASP A 302 10.76 14.55 19.16
C ASP A 302 9.29 14.13 19.25
N ASN A 303 8.40 15.06 19.57
CA ASN A 303 6.96 14.78 19.61
C ASN A 303 6.44 14.31 18.23
N ALA A 304 6.83 15.02 17.17
CA ALA A 304 6.41 14.70 15.81
C ALA A 304 6.74 13.27 15.42
N ILE A 305 7.98 12.84 15.72
CA ILE A 305 8.46 11.52 15.28
C ILE A 305 7.66 10.42 16.00
N LEU A 306 7.29 10.69 17.24
CA LEU A 306 6.53 9.74 18.02
C LEU A 306 5.04 9.72 17.64
N ASN A 307 4.47 10.88 17.30
CA ASN A 307 3.13 10.94 16.66
C ASN A 307 3.09 10.17 15.34
N ILE A 308 4.12 10.35 14.49
CA ILE A 308 4.21 9.60 13.21
C ILE A 308 4.31 8.09 13.45
N ARG A 309 5.12 7.66 14.42
CA ARG A 309 5.18 6.24 14.79
C ARG A 309 3.80 5.72 15.27
N GLN A 310 3.03 6.55 15.97
CA GLN A 310 1.68 6.12 16.42
C GLN A 310 0.73 6.08 15.24
N PHE A 311 0.81 7.10 14.42
CA PHE A 311 0.00 7.17 13.22
C PHE A 311 0.23 5.94 12.35
N GLN A 312 1.50 5.67 12.07
CA GLN A 312 1.90 4.60 11.16
C GLN A 312 1.49 3.24 11.67
N GLY A 313 1.70 2.97 12.97
CA GLY A 313 1.34 1.71 13.61
C GLY A 313 -0.15 1.46 13.55
N THR A 314 -0.94 2.52 13.79
CA THR A 314 -2.40 2.43 13.66
C THR A 314 -2.84 2.04 12.25
N GLN A 315 -2.33 2.76 11.25
CA GLN A 315 -2.68 2.49 9.85
C GLN A 315 -2.26 1.07 9.42
N LYS A 316 -1.07 0.62 9.85
CA LYS A 316 -0.57 -0.72 9.48
C LYS A 316 -1.40 -1.81 10.13
N LEU A 317 -1.84 -1.60 11.37
CA LEU A 317 -2.66 -2.63 12.04
C LEU A 317 -4.06 -2.73 11.41
N ALA A 318 -4.69 -1.60 11.11
CA ALA A 318 -6.00 -1.60 10.43
C ALA A 318 -5.92 -2.29 9.07
N GLN A 319 -4.90 -1.95 8.30
CA GLN A 319 -4.64 -2.57 7.00
C GLN A 319 -4.46 -4.08 7.11
N ALA A 320 -3.64 -4.51 8.08
CA ALA A 320 -3.38 -5.93 8.29
C ALA A 320 -4.66 -6.67 8.73
N ALA A 321 -5.50 -6.01 9.53
CA ALA A 321 -6.78 -6.59 9.97
C ALA A 321 -7.74 -6.85 8.80
N LEU A 322 -7.92 -5.86 7.93
CA LEU A 322 -8.71 -6.04 6.70
C LEU A 322 -8.16 -7.12 5.76
N LEU A 323 -6.85 -7.25 5.61
CA LEU A 323 -6.27 -8.29 4.73
C LEU A 323 -6.34 -9.66 5.36
N TYR A 324 -6.25 -9.71 6.69
CA TYR A 324 -6.53 -10.92 7.44
C TYR A 324 -7.95 -11.41 7.17
N MET A 325 -8.95 -10.55 7.34
CA MET A 325 -10.34 -10.96 7.07
C MET A 325 -10.53 -11.36 5.60
N GLY A 326 -9.99 -10.57 4.68
CA GLY A 326 -10.05 -10.88 3.26
C GLY A 326 -9.42 -12.22 2.93
N SER A 327 -8.23 -12.50 3.49
CA SER A 327 -7.58 -13.81 3.27
C SER A 327 -8.38 -14.96 3.85
N LYS A 328 -9.01 -14.74 4.99
CA LYS A 328 -9.86 -15.77 5.54
C LYS A 328 -11.10 -15.99 4.63
N LEU A 329 -11.71 -14.94 4.06
CA LEU A 329 -12.85 -15.16 3.12
C LEU A 329 -12.41 -15.90 1.84
N THR A 330 -11.29 -15.49 1.23
CA THR A 330 -10.67 -16.20 0.07
C THR A 330 -10.44 -17.70 0.35
N SER A 331 -9.89 -18.02 1.52
CA SER A 331 -9.57 -19.40 1.81
C SER A 331 -10.86 -20.22 1.99
N GLN A 332 -11.95 -19.64 2.48
CA GLN A 332 -13.26 -20.33 2.42
C GLN A 332 -13.67 -20.62 0.97
N ASP A 333 -13.67 -19.59 0.12
CA ASP A 333 -13.99 -19.72 -1.33
C ASP A 333 -13.13 -20.84 -2.00
N GLU A 334 -11.80 -20.65 -2.00
CA GLU A 334 -10.86 -21.51 -2.74
C GLU A 334 -10.83 -22.97 -2.24
N THR A 335 -10.93 -23.18 -0.93
CA THR A 335 -11.02 -24.54 -0.33
C THR A 335 -12.20 -25.33 -0.94
N LYS A 336 -13.40 -24.73 -0.88
CA LYS A 336 -14.59 -25.36 -1.46
C LYS A 336 -14.49 -25.57 -2.99
N GLU A 337 -13.90 -24.61 -3.71
CA GLU A 337 -13.80 -24.66 -5.19
C GLU A 337 -12.81 -25.74 -5.65
N LEU A 338 -11.70 -25.82 -4.92
CA LEU A 338 -10.62 -26.75 -5.23
C LEU A 338 -11.03 -28.19 -4.95
N THR A 339 -11.76 -28.35 -3.84
CA THR A 339 -12.34 -29.64 -3.46
C THR A 339 -13.35 -30.14 -4.53
N ALA A 340 -14.27 -29.27 -4.98
CA ALA A 340 -15.22 -29.64 -6.06
C ALA A 340 -14.51 -29.95 -7.39
N ILE A 341 -13.42 -29.24 -7.69
CA ILE A 341 -12.60 -29.51 -8.92
C ILE A 341 -11.89 -30.87 -8.82
N PHE A 342 -11.30 -31.14 -7.65
CA PHE A 342 -10.59 -32.40 -7.43
C PHE A 342 -11.56 -33.57 -7.34
N HIS A 343 -12.69 -33.38 -6.67
CA HIS A 343 -13.78 -34.38 -6.62
C HIS A 343 -14.17 -34.84 -8.03
N LYS A 344 -14.43 -33.89 -8.93
CA LYS A 344 -14.82 -34.22 -10.30
C LYS A 344 -13.70 -34.84 -11.15
N MET A 345 -12.44 -34.50 -10.82
CA MET A 345 -11.26 -35.07 -11.51
C MET A 345 -11.00 -36.51 -11.03
N ASP A 346 -11.49 -36.83 -9.83
CA ASP A 346 -11.33 -38.17 -9.22
C ASP A 346 -12.33 -39.16 -9.86
N LYS A 347 -11.88 -39.78 -10.94
CA LYS A 347 -12.70 -40.71 -11.71
C LYS A 347 -12.82 -42.06 -11.00
N ASN A 348 -11.78 -42.44 -10.26
CA ASN A 348 -11.81 -43.60 -9.38
C ASN A 348 -12.86 -43.50 -8.26
N GLY A 349 -13.01 -42.32 -7.67
CA GLY A 349 -13.80 -42.14 -6.45
C GLY A 349 -13.04 -42.55 -5.18
N ASP A 350 -11.75 -42.85 -5.30
CA ASP A 350 -10.93 -43.31 -4.18
C ASP A 350 -10.36 -42.17 -3.33
N GLY A 351 -10.56 -40.92 -3.77
CA GLY A 351 -10.01 -39.74 -3.08
C GLY A 351 -8.55 -39.39 -3.36
N GLN A 352 -7.91 -40.09 -4.32
CA GLN A 352 -6.47 -39.91 -4.67
C GLN A 352 -6.30 -39.24 -6.04
N LEU A 353 -5.20 -38.51 -6.23
CA LEU A 353 -4.83 -37.94 -7.53
C LEU A 353 -3.31 -37.90 -7.75
N ASP A 354 -2.84 -37.99 -9.01
CA ASP A 354 -1.41 -37.82 -9.30
C ASP A 354 -1.04 -36.32 -9.41
N ARG A 355 0.28 -36.07 -9.47
CA ARG A 355 0.86 -34.71 -9.57
C ARG A 355 0.31 -33.82 -10.71
N ALA A 356 0.28 -34.33 -11.95
CA ALA A 356 -0.22 -33.57 -13.11
C ALA A 356 -1.70 -33.16 -12.97
N GLU A 357 -2.50 -34.02 -12.33
CA GLU A 357 -3.90 -33.70 -12.08
C GLU A 357 -4.04 -32.61 -11.00
N LEU A 358 -3.26 -32.72 -9.92
CA LEU A 358 -3.20 -31.67 -8.89
C LEU A 358 -2.80 -30.33 -9.56
N ILE A 359 -1.76 -30.37 -10.40
CA ILE A 359 -1.36 -29.17 -11.16
C ILE A 359 -2.52 -28.65 -12.04
N GLU A 360 -3.18 -29.56 -12.78
CA GLU A 360 -4.31 -29.22 -13.69
C GLU A 360 -5.51 -28.54 -12.98
N GLY A 361 -5.96 -29.08 -11.85
CA GLY A 361 -7.05 -28.47 -11.06
C GLY A 361 -6.70 -27.12 -10.45
N TYR A 362 -5.47 -27.02 -9.92
CA TYR A 362 -4.93 -25.77 -9.36
C TYR A 362 -4.84 -24.68 -10.45
N LYS A 363 -4.41 -25.06 -11.66
CA LYS A 363 -4.50 -24.18 -12.85
C LYS A 363 -5.95 -23.87 -13.24
N GLU A 364 -6.85 -24.87 -13.14
CA GLU A 364 -8.29 -24.66 -13.40
C GLU A 364 -8.87 -23.68 -12.35
N LEU A 365 -8.36 -23.76 -11.12
CA LEU A 365 -8.72 -22.79 -10.06
C LEU A 365 -8.31 -21.40 -10.53
N MET A 366 -7.08 -21.26 -10.99
CA MET A 366 -6.67 -20.07 -11.74
C MET A 366 -7.86 -19.37 -12.41
N LYS A 367 -8.04 -18.08 -12.13
CA LYS A 367 -9.11 -17.24 -12.69
C LYS A 367 -10.42 -17.24 -11.88
N SER A 374 0.91 -13.74 -8.82
CA SER A 374 2.16 -14.43 -8.50
C SER A 374 2.38 -15.70 -9.32
N MET A 375 1.30 -16.23 -9.90
CA MET A 375 1.35 -17.44 -10.71
C MET A 375 1.29 -17.02 -12.19
N LEU A 376 2.34 -16.33 -12.63
CA LEU A 376 2.33 -15.62 -13.93
C LEU A 376 2.46 -16.54 -15.15
N ASP A 377 3.03 -17.73 -14.95
CA ASP A 377 3.06 -18.78 -15.97
C ASP A 377 2.80 -20.17 -15.34
N ALA A 378 2.72 -21.18 -16.22
CA ALA A 378 2.63 -22.60 -15.81
C ALA A 378 3.81 -23.03 -14.92
N SER A 379 4.99 -22.44 -15.16
CA SER A 379 6.18 -22.70 -14.33
C SER A 379 5.96 -22.30 -12.86
N ALA A 380 5.27 -21.18 -12.60
CA ALA A 380 4.94 -20.74 -11.22
C ALA A 380 4.02 -21.71 -10.46
N VAL A 381 3.06 -22.28 -11.19
CA VAL A 381 2.07 -23.18 -10.61
C VAL A 381 2.72 -24.49 -10.20
N GLU A 382 3.48 -25.09 -11.12
CA GLU A 382 4.18 -26.38 -10.90
C GLU A 382 5.07 -26.33 -9.65
N HIS A 383 5.76 -25.20 -9.43
CA HIS A 383 6.65 -25.01 -8.27
C HIS A 383 5.90 -24.82 -6.95
N GLU A 384 4.74 -24.17 -6.98
CA GLU A 384 3.88 -24.04 -5.78
C GLU A 384 3.35 -25.42 -5.36
N VAL A 385 2.77 -26.12 -6.32
CA VAL A 385 2.37 -27.52 -6.13
C VAL A 385 3.52 -28.35 -5.58
N ASP A 386 4.74 -28.19 -6.14
CA ASP A 386 5.93 -28.93 -5.66
C ASP A 386 6.31 -28.56 -4.22
N GLN A 387 6.22 -27.29 -3.87
CA GLN A 387 6.42 -26.89 -2.47
C GLN A 387 5.42 -27.60 -1.51
N VAL A 388 4.17 -27.75 -1.95
CA VAL A 388 3.14 -28.46 -1.18
C VAL A 388 3.32 -29.99 -1.16
N LEU A 389 3.71 -30.59 -2.28
CA LEU A 389 3.99 -32.04 -2.33
C LEU A 389 5.23 -32.41 -1.48
N ASP A 390 6.21 -31.52 -1.43
CA ASP A 390 7.34 -31.65 -0.50
C ASP A 390 6.82 -31.48 0.93
N ALA A 391 5.99 -30.47 1.14
CA ALA A 391 5.36 -30.20 2.44
C ALA A 391 4.32 -31.25 2.88
N VAL A 392 3.95 -32.17 2.00
CA VAL A 392 2.97 -33.23 2.33
C VAL A 392 3.61 -34.20 3.37
N ASP A 393 4.45 -33.65 4.26
CA ASP A 393 5.41 -34.42 5.08
C ASP A 393 6.21 -35.38 4.17
N PHE A 394 5.99 -36.69 4.29
CA PHE A 394 6.78 -37.74 3.60
C PHE A 394 6.05 -38.20 2.33
N ASP A 395 6.83 -38.53 1.28
CA ASP A 395 6.28 -38.67 -0.09
C ASP A 395 6.21 -40.08 -0.70
N LYS A 396 4.97 -40.48 -1.01
CA LYS A 396 4.67 -41.64 -1.86
C LYS A 396 4.20 -41.14 -3.23
N ASN A 397 4.85 -41.61 -4.30
CA ASN A 397 4.67 -41.07 -5.66
C ASN A 397 3.70 -41.88 -6.59
N GLY A 398 2.62 -41.21 -7.01
CA GLY A 398 1.58 -41.80 -7.89
C GLY A 398 0.17 -41.42 -7.45
N TYR A 399 -0.10 -41.62 -6.15
CA TYR A 399 -1.44 -41.53 -5.57
C TYR A 399 -1.38 -40.67 -4.29
N ILE A 400 -1.98 -39.48 -4.37
CA ILE A 400 -1.87 -38.42 -3.36
C ILE A 400 -3.31 -38.12 -2.84
N GLU A 401 -3.48 -37.97 -1.51
CA GLU A 401 -4.80 -37.73 -0.85
C GLU A 401 -5.32 -36.29 -1.07
N TYR A 402 -6.14 -36.06 -2.10
CA TYR A 402 -6.45 -34.66 -2.52
C TYR A 402 -6.86 -33.77 -1.33
N SER A 403 -7.67 -34.32 -0.41
CA SER A 403 -8.08 -33.67 0.87
C SER A 403 -6.96 -32.93 1.66
N GLU A 404 -5.83 -33.60 1.89
CA GLU A 404 -4.72 -33.03 2.67
C GLU A 404 -3.93 -31.95 1.90
N PHE A 405 -3.73 -32.16 0.59
CA PHE A 405 -3.08 -31.14 -0.28
C PHE A 405 -3.84 -29.81 -0.22
N VAL A 406 -5.18 -29.88 -0.18
CA VAL A 406 -6.06 -28.68 -0.08
C VAL A 406 -5.81 -27.90 1.23
N THR A 407 -5.79 -28.59 2.37
CA THR A 407 -5.47 -27.98 3.68
C THR A 407 -4.12 -27.24 3.69
N VAL A 408 -3.09 -27.90 3.18
CA VAL A 408 -1.73 -27.35 3.18
C VAL A 408 -1.54 -26.24 2.13
N ALA A 409 -2.12 -26.39 0.93
CA ALA A 409 -2.05 -25.33 -0.11
C ALA A 409 -2.63 -24.03 0.43
N MET A 410 -3.72 -24.13 1.21
CA MET A 410 -4.52 -22.98 1.70
C MET A 410 -3.93 -22.32 2.97
N ASP A 411 -3.50 -23.15 3.93
CA ASP A 411 -2.70 -22.67 5.07
CA ASP A 411 -2.65 -22.71 5.07
C ASP A 411 -1.50 -21.83 4.58
N ARG A 412 -0.83 -22.31 3.52
CA ARG A 412 0.27 -21.57 2.85
C ARG A 412 -0.19 -20.16 2.43
N LYS A 413 -1.33 -20.10 1.73
CA LYS A 413 -1.91 -18.82 1.22
C LYS A 413 -2.21 -17.78 2.34
N THR A 414 -2.65 -18.26 3.52
CA THR A 414 -2.98 -17.39 4.67
C THR A 414 -1.76 -16.97 5.54
N LEU A 415 -0.72 -17.81 5.59
CA LEU A 415 0.53 -17.54 6.35
C LEU A 415 0.91 -16.07 6.38
N LEU A 416 1.25 -15.52 5.20
CA LEU A 416 1.81 -14.15 5.06
C LEU A 416 0.90 -13.16 5.80
N SER A 417 -0.41 -13.34 5.61
CA SER A 417 -1.43 -12.50 6.26
C SER A 417 -1.71 -12.75 7.77
N ARG A 418 -1.67 -13.98 8.31
CA ARG A 418 -1.77 -14.16 9.80
C ARG A 418 -0.47 -13.74 10.48
N GLU A 419 0.66 -14.04 9.85
CA GLU A 419 1.97 -13.76 10.42
C GLU A 419 2.09 -12.26 10.46
N ARG A 420 1.72 -11.62 9.35
CA ARG A 420 1.72 -10.17 9.26
C ARG A 420 0.75 -9.56 10.27
N LEU A 421 -0.33 -10.27 10.63
CA LEU A 421 -1.32 -9.69 11.57
C LEU A 421 -0.69 -9.59 12.95
N GLU A 422 -0.05 -10.68 13.39
CA GLU A 422 0.61 -10.71 14.69
C GLU A 422 1.72 -9.66 14.71
N ARG A 423 2.55 -9.58 13.67
CA ARG A 423 3.64 -8.58 13.58
C ARG A 423 3.08 -7.19 13.77
N ALA A 424 2.00 -6.87 13.07
CA ALA A 424 1.41 -5.56 13.16
C ALA A 424 0.80 -5.30 14.53
N PHE A 425 0.23 -6.31 15.17
CA PHE A 425 -0.30 -6.15 16.53
C PHE A 425 0.87 -5.80 17.48
N ARG A 426 1.97 -6.57 17.43
CA ARG A 426 3.14 -6.32 18.27
C ARG A 426 3.74 -4.95 18.01
N MET A 427 3.73 -4.50 16.77
CA MET A 427 4.30 -3.20 16.46
C MET A 427 3.39 -2.08 16.99
N PHE A 428 2.08 -2.25 16.94
CA PHE A 428 1.16 -1.29 17.53
C PHE A 428 1.26 -1.21 19.07
N ASP A 429 1.49 -2.35 19.72
CA ASP A 429 1.61 -2.45 21.18
C ASP A 429 3.05 -2.03 21.63
N SER A 430 3.33 -0.72 21.50
CA SER A 430 4.70 -0.15 21.71
C SER A 430 5.26 -0.27 23.15
N ASP A 431 4.38 -0.32 24.15
CA ASP A 431 4.78 -0.54 25.55
CA ASP A 431 4.80 -0.54 25.56
C ASP A 431 4.92 -2.03 25.94
N ASN A 432 4.77 -2.93 24.96
CA ASN A 432 4.81 -4.39 25.18
C ASN A 432 3.87 -4.86 26.31
N SER A 433 2.64 -4.32 26.34
CA SER A 433 1.70 -4.65 27.43
C SER A 433 1.00 -5.98 27.16
N GLY A 434 1.01 -6.37 25.88
CA GLY A 434 0.34 -7.58 25.40
C GLY A 434 -1.11 -7.38 25.03
N LYS A 435 -1.59 -6.14 25.18
CA LYS A 435 -3.01 -5.83 25.04
C LYS A 435 -3.28 -4.47 24.44
N ILE A 436 -4.46 -4.37 23.85
CA ILE A 436 -4.94 -3.13 23.25
CA ILE A 436 -4.99 -3.16 23.17
C ILE A 436 -6.28 -2.74 23.88
N SER A 437 -6.38 -1.46 24.23
CA SER A 437 -7.51 -0.96 24.97
C SER A 437 -8.73 -0.83 24.08
N SER A 438 -9.93 -0.75 24.66
CA SER A 438 -11.12 -0.54 23.85
C SER A 438 -11.11 0.86 23.23
N SER A 439 -10.47 1.84 23.85
CA SER A 439 -10.27 3.15 23.19
C SER A 439 -9.40 3.00 21.91
N GLU A 440 -8.28 2.28 22.02
CA GLU A 440 -7.46 1.87 20.85
C GLU A 440 -8.26 1.05 19.81
N LEU A 441 -9.05 0.06 20.24
CA LEU A 441 -9.92 -0.67 19.30
C LEU A 441 -10.86 0.27 18.56
N ALA A 442 -11.46 1.25 19.23
CA ALA A 442 -12.35 2.20 18.54
C ALA A 442 -11.60 2.90 17.40
N THR A 443 -10.34 3.31 17.66
CA THR A 443 -9.50 3.99 16.68
C THR A 443 -9.19 3.08 15.51
N ILE A 444 -8.79 1.85 15.79
CA ILE A 444 -8.47 0.86 14.77
C ILE A 444 -9.69 0.48 13.91
N PHE A 445 -10.82 0.23 14.54
CA PHE A 445 -12.02 -0.15 13.78
C PHE A 445 -12.64 1.03 13.06
N GLY A 446 -12.48 2.25 13.56
CA GLY A 446 -12.86 3.45 12.82
C GLY A 446 -12.06 3.61 11.53
N VAL A 447 -10.73 3.46 11.64
CA VAL A 447 -9.82 3.48 10.48
C VAL A 447 -10.12 2.35 9.45
N SER A 448 -10.48 1.17 9.95
CA SER A 448 -10.91 0.00 9.12
C SER A 448 -12.36 0.01 8.62
N ASP A 449 -13.11 0.99 9.12
CA ASP A 449 -14.51 1.25 8.76
C ASP A 449 -15.47 0.10 9.09
N VAL A 450 -15.31 -0.46 10.29
CA VAL A 450 -16.20 -1.45 10.87
C VAL A 450 -17.11 -0.76 11.90
N ASP A 451 -18.42 -0.84 11.68
CA ASP A 451 -19.42 -0.14 12.50
C ASP A 451 -19.26 -0.45 14.02
N SER A 452 -19.51 0.57 14.85
CA SER A 452 -19.16 0.54 16.27
C SER A 452 -19.95 -0.51 17.05
N GLU A 453 -21.26 -0.51 16.83
CA GLU A 453 -22.19 -1.46 17.43
C GLU A 453 -21.81 -2.90 17.05
N THR A 454 -21.30 -3.06 15.82
CA THR A 454 -20.99 -4.38 15.29
C THR A 454 -19.80 -4.98 16.01
N TRP A 455 -18.70 -4.25 16.15
CA TRP A 455 -17.50 -4.85 16.79
C TRP A 455 -17.66 -5.14 18.32
N LYS A 456 -18.47 -4.36 19.03
CA LYS A 456 -18.69 -4.60 20.46
C LYS A 456 -19.57 -5.81 20.72
N ASN A 457 -20.57 -6.00 19.87
CA ASN A 457 -21.40 -7.18 19.96
C ASN A 457 -20.48 -8.39 19.85
N VAL A 458 -19.51 -8.28 18.96
CA VAL A 458 -18.59 -9.38 18.68
C VAL A 458 -17.70 -9.69 19.88
N LEU A 459 -17.09 -8.66 20.46
CA LEU A 459 -16.30 -8.76 21.69
C LEU A 459 -17.08 -9.44 22.81
N ALA A 460 -18.31 -8.93 23.04
CA ALA A 460 -19.16 -9.43 24.10
C ALA A 460 -19.28 -10.94 23.99
N GLU A 461 -19.30 -11.46 22.76
CA GLU A 461 -19.44 -12.91 22.54
C GLU A 461 -18.13 -13.72 22.69
N VAL A 462 -16.97 -13.09 22.40
CA VAL A 462 -15.64 -13.75 22.55
C VAL A 462 -15.31 -13.95 24.03
N ASP A 463 -15.39 -12.85 24.79
CA ASP A 463 -15.10 -12.83 26.23
C ASP A 463 -16.20 -12.05 26.97
N LYS A 464 -17.18 -12.79 27.51
CA LYS A 464 -18.29 -12.19 28.23
C LYS A 464 -17.85 -11.36 29.48
N ASN A 465 -16.61 -11.54 29.97
CA ASN A 465 -16.13 -10.86 31.19
C ASN A 465 -15.05 -9.79 30.98
N ASN A 466 -14.80 -9.36 29.75
CA ASN A 466 -13.60 -8.53 29.50
C ASN A 466 -13.71 -7.16 30.18
N ASP A 467 -12.53 -6.55 30.39
CA ASP A 467 -12.39 -5.33 31.17
C ASP A 467 -11.70 -4.29 30.29
N GLY A 468 -12.31 -4.04 29.13
CA GLY A 468 -11.87 -2.98 28.22
C GLY A 468 -10.52 -3.13 27.55
N GLU A 469 -10.04 -4.36 27.40
CA GLU A 469 -8.80 -4.59 26.67
C GLU A 469 -8.75 -6.02 26.21
N VAL A 470 -8.10 -6.26 25.07
CA VAL A 470 -7.99 -7.61 24.49
C VAL A 470 -6.54 -7.98 24.20
N ASP A 471 -6.17 -9.24 24.37
CA ASP A 471 -4.84 -9.74 23.94
C ASP A 471 -4.88 -10.12 22.46
N PHE A 472 -3.77 -10.60 21.91
CA PHE A 472 -3.72 -10.93 20.49
C PHE A 472 -4.72 -12.00 20.15
N ASP A 473 -4.85 -13.05 20.96
CA ASP A 473 -5.78 -14.12 20.62
C ASP A 473 -7.24 -13.68 20.58
N GLU A 474 -7.67 -12.90 21.56
CA GLU A 474 -9.01 -12.30 21.59
C GLU A 474 -9.30 -11.39 20.36
N PHE A 475 -8.34 -10.54 20.02
CA PHE A 475 -8.44 -9.68 18.83
C PHE A 475 -8.65 -10.52 17.57
N GLN A 476 -7.78 -11.50 17.39
CA GLN A 476 -7.89 -12.46 16.30
C GLN A 476 -9.26 -13.13 16.25
N GLN A 477 -9.76 -13.63 17.39
CA GLN A 477 -11.09 -14.22 17.44
C GLN A 477 -12.15 -13.18 17.04
N MET A 478 -12.00 -11.91 17.45
CA MET A 478 -12.93 -10.87 17.00
C MET A 478 -12.93 -10.75 15.48
N LEU A 479 -11.77 -10.74 14.84
CA LEU A 479 -11.70 -10.57 13.37
C LEU A 479 -12.40 -11.70 12.60
N LEU A 480 -12.24 -12.91 13.11
CA LEU A 480 -12.89 -14.07 12.54
C LEU A 480 -14.39 -13.92 12.65
N LYS A 481 -14.91 -13.50 13.80
CA LYS A 481 -16.36 -13.27 13.91
C LYS A 481 -16.89 -12.15 12.99
N LEU A 482 -16.05 -11.16 12.73
CA LEU A 482 -16.39 -10.05 11.85
C LEU A 482 -16.35 -10.40 10.35
N CYS A 483 -15.86 -11.58 10.00
CA CYS A 483 -15.96 -12.08 8.63
C CYS A 483 -16.73 -13.40 8.59
N GLY A 484 -17.71 -13.50 9.49
CA GLY A 484 -18.74 -14.56 9.46
C GLY A 484 -18.28 -15.93 9.91
N ASN A 485 -17.21 -15.99 10.69
CA ASN A 485 -16.70 -17.24 11.27
C ASN A 485 -16.66 -17.13 12.78
CAL 2E8 B . 3.95 -0.68 -3.77
CAN 2E8 B . 2.74 -0.22 -2.97
NBD 2E8 B . 3.04 -0.07 -1.54
CAB 2E8 B . 1.78 0.21 -0.83
CAO 2E8 B . 3.51 -1.33 -1.01
CAM 2E8 B . 4.80 -1.76 -1.69
CBC 2E8 B . 4.60 -1.97 -3.19
CAP 2E8 B . 5.97 -2.27 -3.78
NBE 2E8 B . 6.29 -1.69 -5.08
NAS 2E8 B . 5.53 -1.23 -5.92
C4 2E8 B . 7.53 -1.66 -5.48
N3 2E8 B . 8.62 -2.07 -4.88
C2 2E8 B . 9.76 -1.93 -5.50
N1 2E8 B . 9.82 -1.37 -6.71
C6 2E8 B . 8.74 -0.98 -7.33
NAC 2E8 B . 8.88 -0.45 -8.52
C5 2E8 B . 7.52 -1.10 -6.72
CAX 2E8 B . 6.21 -0.84 -6.97
CAV 2E8 B . 5.66 -0.29 -8.07
CAJ 2E8 B . 6.10 -0.60 -9.34
CAE 2E8 B . 4.59 0.55 -7.95
CAG 2E8 B . 3.98 1.11 -9.05
CAY 2E8 B . 4.44 0.79 -10.29
CAI 2E8 B . 3.84 1.33 -11.39
CAZ 2E8 B . 5.49 -0.05 -10.43
CAF 2E8 B . 5.95 -0.36 -11.67
CAD 2E8 B . 5.36 0.17 -12.79
CAU 2E8 B . 4.29 1.02 -12.66
OAT 2E8 B . 3.73 1.53 -13.75
CAK 2E8 B . 3.87 2.91 -13.76
CAA 2E8 B . 3.18 3.54 -14.96
#